data_3Q94
#
_entry.id   3Q94
#
_cell.length_a   95.155
_cell.length_b   95.155
_cell.length_c   155.967
_cell.angle_alpha   90.00
_cell.angle_beta   90.00
_cell.angle_gamma   120.00
#
_symmetry.space_group_name_H-M   'P 31 2 1'
#
loop_
_entity.id
_entity.type
_entity.pdbx_description
1 polymer 'Fructose-bisphosphate aldolase, class II'
2 non-polymer 'ZINC ION'
3 non-polymer 'SODIUM ION'
4 non-polymer 1,3-DIHYDROXYACETONEPHOSPHATE
5 non-polymer 'ACETATE ION'
6 water water
#
_entity_poly.entity_id   1
_entity_poly.type   'polypeptide(L)'
_entity_poly.pdbx_seq_one_letter_code
;SNA(MSE)PLVS(MSE)KE(MSE)LNKALEGKYAVGQFN(MSE)NNLEWTQAILAAAEEEKSPVILGVSEGAARH(MSE)
TGFKTVVA(MSE)VKALIEE(MSE)NITVPVAIHLDHGSSFEKCKEAIDAGFTSV(MSE)IDASHHPFEENVETTKKVVE
YAHARNVSVEAELGTVGGQEDDVIAEGVIYADPAECKHLVEATGIDCLAPALGSVHGPYKGEPNLGFAE(MSE)EQVRDF
TGVPLVLHGGTGIPTADIEKAISLGTSKINVNTENQIEFTKAVREVLNKDQEVYDPRKFIGPGRDAIKATVIGKIREFGS
NGKA
;
_entity_poly.pdbx_strand_id   A,B
#
loop_
_chem_comp.id
_chem_comp.type
_chem_comp.name
_chem_comp.formula
13P non-polymer 1,3-DIHYDROXYACETONEPHOSPHATE 'C3 H7 O6 P'
ACT non-polymer 'ACETATE ION' 'C2 H3 O2 -1'
NA non-polymer 'SODIUM ION' 'Na 1'
ZN non-polymer 'ZINC ION' 'Zn 2'
#
# COMPACT_ATOMS: atom_id res chain seq x y z
N MSE A 4 -15.53 -4.15 -12.94
CA MSE A 4 -15.88 -2.77 -13.30
C MSE A 4 -14.64 -1.91 -13.51
O MSE A 4 -13.70 -1.98 -12.73
CB MSE A 4 -16.77 -2.16 -12.22
CG MSE A 4 -17.18 -0.73 -12.54
SE MSE A 4 -17.17 0.39 -10.94
CE MSE A 4 -15.25 0.45 -10.61
N PRO A 5 -14.65 -1.06 -14.55
CA PRO A 5 -13.48 -0.21 -14.82
C PRO A 5 -13.55 1.18 -14.15
N LEU A 6 -12.41 1.86 -14.11
CA LEU A 6 -12.33 3.23 -13.65
C LEU A 6 -13.01 4.18 -14.63
N VAL A 7 -13.55 5.28 -14.13
CA VAL A 7 -14.08 6.34 -14.99
C VAL A 7 -13.39 7.68 -14.74
N SER A 8 -13.45 8.60 -15.71
CA SER A 8 -13.01 9.98 -15.51
C SER A 8 -13.98 10.68 -14.57
N MSE A 9 -13.81 11.99 -14.37
CA MSE A 9 -14.71 12.73 -13.47
C MSE A 9 -15.88 13.42 -14.19
O MSE A 9 -16.76 13.99 -13.53
CB MSE A 9 -13.95 13.80 -12.69
CG MSE A 9 -12.77 13.30 -11.89
SE MSE A 9 -12.01 14.72 -10.76
CE MSE A 9 -11.78 16.14 -12.08
N LYS A 10 -15.87 13.37 -15.51
CA LYS A 10 -16.83 14.08 -16.35
C LYS A 10 -18.26 13.83 -15.93
N GLU A 11 -18.68 12.58 -16.05
CA GLU A 11 -20.07 12.24 -15.81
C GLU A 11 -20.46 12.51 -14.37
N MSE A 12 -19.64 12.07 -13.42
CA MSE A 12 -19.98 12.21 -12.01
C MSE A 12 -20.08 13.67 -11.57
O MSE A 12 -20.92 14.01 -10.76
CB MSE A 12 -19.00 11.45 -11.13
CG MSE A 12 -17.59 11.96 -11.20
SE MSE A 12 -16.40 11.11 -9.91
CE MSE A 12 -16.28 9.29 -10.66
N LEU A 13 -19.23 14.53 -12.11
CA LEU A 13 -19.29 15.95 -11.76
C LEU A 13 -20.45 16.68 -12.43
N ASN A 14 -20.80 16.28 -13.66
CA ASN A 14 -21.96 16.88 -14.29
C ASN A 14 -23.23 16.47 -13.58
N LYS A 15 -23.38 15.18 -13.32
CA LYS A 15 -24.52 14.69 -12.56
C LYS A 15 -24.64 15.45 -11.23
N ALA A 16 -23.50 15.70 -10.60
CA ALA A 16 -23.45 16.38 -9.30
C ALA A 16 -23.88 17.84 -9.39
N LEU A 17 -23.39 18.53 -10.41
CA LEU A 17 -23.81 19.91 -10.63
C LEU A 17 -25.33 20.00 -10.87
N GLU A 18 -25.87 19.12 -11.71
CA GLU A 18 -27.31 19.11 -11.97
C GLU A 18 -28.10 18.76 -10.70
N GLY A 19 -27.54 17.87 -9.90
CA GLY A 19 -28.21 17.40 -8.69
C GLY A 19 -27.96 18.26 -7.46
N LYS A 20 -27.11 19.29 -7.60
CA LYS A 20 -26.81 20.22 -6.53
C LYS A 20 -26.26 19.53 -5.29
N TYR A 21 -25.24 18.71 -5.52
CA TYR A 21 -24.49 18.10 -4.44
C TYR A 21 -23.05 18.06 -4.95
N ALA A 22 -22.11 17.58 -4.14
CA ALA A 22 -20.73 17.52 -4.58
C ALA A 22 -20.17 16.13 -4.44
N VAL A 23 -19.19 15.79 -5.28
CA VAL A 23 -18.45 14.56 -5.12
C VAL A 23 -17.16 14.87 -4.35
N GLY A 24 -16.89 14.09 -3.32
CA GLY A 24 -15.68 14.26 -2.55
C GLY A 24 -14.48 13.65 -3.25
N GLN A 25 -13.38 14.40 -3.29
CA GLN A 25 -12.09 13.81 -3.57
C GLN A 25 -11.39 13.60 -2.24
N PHE A 26 -10.90 12.39 -2.02
CA PHE A 26 -10.16 12.10 -0.81
C PHE A 26 -8.80 11.63 -1.25
N ASN A 27 -7.77 12.28 -0.72
CA ASN A 27 -6.42 11.93 -1.14
C ASN A 27 -5.97 10.55 -0.63
N MSE A 28 -5.38 9.79 -1.54
CA MSE A 28 -4.74 8.50 -1.27
C MSE A 28 -3.33 8.66 -0.74
O MSE A 28 -2.51 9.35 -1.37
CB MSE A 28 -4.58 7.75 -2.59
CG MSE A 28 -5.70 6.91 -3.02
SE MSE A 28 -5.20 6.18 -4.75
CE MSE A 28 -3.60 5.17 -4.22
N ASN A 29 -3.00 7.97 0.33
CA ASN A 29 -1.65 8.05 0.88
C ASN A 29 -0.87 6.72 0.86
N ASN A 30 -1.59 5.62 0.94
CA ASN A 30 -1.00 4.30 0.90
C ASN A 30 -2.11 3.25 0.76
N LEU A 31 -1.78 1.99 1.00
CA LEU A 31 -2.74 0.92 0.77
C LEU A 31 -3.98 1.01 1.69
N GLU A 32 -3.74 1.18 2.98
CA GLU A 32 -4.85 1.24 3.95
C GLU A 32 -5.71 2.48 3.76
N TRP A 33 -5.11 3.59 3.37
CA TRP A 33 -5.84 4.79 3.01
C TRP A 33 -6.83 4.49 1.89
N THR A 34 -6.37 3.80 0.85
CA THR A 34 -7.20 3.45 -0.30
C THR A 34 -8.35 2.49 0.04
N GLN A 35 -8.07 1.48 0.86
CA GLN A 35 -9.09 0.53 1.28
C GLN A 35 -10.21 1.26 2.01
N ALA A 36 -9.80 2.18 2.89
CA ALA A 36 -10.74 3.00 3.66
C ALA A 36 -11.67 3.81 2.76
N ILE A 37 -11.08 4.57 1.83
CA ILE A 37 -11.85 5.48 0.98
C ILE A 37 -12.84 4.70 0.10
N LEU A 38 -12.35 3.64 -0.54
CA LEU A 38 -13.19 2.81 -1.38
C LEU A 38 -14.30 2.12 -0.57
N ALA A 39 -13.96 1.67 0.65
CA ALA A 39 -14.96 1.01 1.49
C ALA A 39 -16.06 2.01 1.87
N ALA A 40 -15.65 3.23 2.23
CA ALA A 40 -16.59 4.30 2.50
C ALA A 40 -17.48 4.59 1.30
N ALA A 41 -16.87 4.74 0.12
CA ALA A 41 -17.66 5.03 -1.08
C ALA A 41 -18.63 3.88 -1.39
N GLU A 42 -18.18 2.65 -1.23
CA GLU A 42 -19.03 1.50 -1.54
C GLU A 42 -20.24 1.46 -0.61
N GLU A 43 -20.01 1.54 0.70
CA GLU A 43 -21.09 1.51 1.69
C GLU A 43 -22.12 2.60 1.48
N GLU A 44 -21.67 3.78 1.08
CA GLU A 44 -22.54 4.95 0.90
C GLU A 44 -23.13 5.02 -0.50
N LYS A 45 -22.75 4.06 -1.32
CA LYS A 45 -23.20 4.03 -2.71
C LYS A 45 -22.98 5.39 -3.36
N SER A 46 -21.77 5.92 -3.21
CA SER A 46 -21.42 7.23 -3.74
C SER A 46 -20.27 7.12 -4.75
N PRO A 47 -20.25 8.01 -5.76
CA PRO A 47 -19.06 8.14 -6.60
C PRO A 47 -17.95 8.70 -5.73
N VAL A 48 -16.70 8.44 -6.10
CA VAL A 48 -15.60 8.94 -5.30
C VAL A 48 -14.41 9.23 -6.19
N ILE A 49 -13.64 10.24 -5.82
CA ILE A 49 -12.44 10.62 -6.56
C ILE A 49 -11.23 10.33 -5.67
N LEU A 50 -10.28 9.55 -6.17
CA LEU A 50 -9.05 9.28 -5.45
C LEU A 50 -7.99 10.29 -5.88
N GLY A 51 -7.65 11.20 -4.97
CA GLY A 51 -6.69 12.23 -5.29
C GLY A 51 -5.27 11.74 -5.05
N VAL A 52 -4.38 12.03 -5.98
CA VAL A 52 -2.99 11.62 -5.84
C VAL A 52 -2.07 12.78 -6.17
N SER A 53 -1.43 13.34 -5.15
CA SER A 53 -0.49 14.42 -5.38
C SER A 53 0.76 13.77 -5.94
N GLU A 54 1.64 14.56 -6.53
CA GLU A 54 2.90 14.00 -7.02
C GLU A 54 3.75 13.48 -5.85
N GLY A 55 3.70 14.19 -4.72
CA GLY A 55 4.39 13.73 -3.53
C GLY A 55 3.88 12.39 -3.04
N ALA A 56 2.55 12.25 -2.94
CA ALA A 56 1.95 10.97 -2.53
C ALA A 56 2.30 9.83 -3.51
N ALA A 57 2.26 10.11 -4.82
CA ALA A 57 2.70 9.13 -5.81
C ALA A 57 4.14 8.66 -5.57
N ARG A 58 5.03 9.57 -5.20
CA ARG A 58 6.41 9.18 -4.90
C ARG A 58 6.47 8.30 -3.66
N HIS A 59 5.63 8.62 -2.66
CA HIS A 59 5.57 7.82 -1.44
C HIS A 59 5.17 6.39 -1.81
N MSE A 60 4.32 6.28 -2.84
CA MSE A 60 3.82 4.98 -3.27
C MSE A 60 4.60 4.49 -4.48
O MSE A 60 4.07 3.77 -5.33
CB MSE A 60 2.32 5.11 -3.57
CG MSE A 60 1.49 5.44 -2.32
SE MSE A 60 -0.42 5.52 -2.71
CE MSE A 60 -0.49 7.39 -3.28
N THR A 61 5.86 4.89 -4.55
CA THR A 61 6.76 4.54 -5.64
C THR A 61 6.50 5.28 -6.95
N GLY A 62 5.30 5.20 -7.50
CA GLY A 62 5.02 5.96 -8.71
C GLY A 62 3.59 5.80 -9.17
N PHE A 63 3.27 6.45 -10.28
CA PHE A 63 1.91 6.40 -10.83
C PHE A 63 1.47 4.99 -11.20
N LYS A 64 2.38 4.17 -11.69
CA LYS A 64 2.03 2.82 -12.11
C LYS A 64 1.66 1.90 -10.95
N THR A 65 2.35 2.05 -9.81
CA THR A 65 2.04 1.26 -8.62
C THR A 65 0.69 1.68 -8.08
N VAL A 66 0.46 2.99 -8.10
CA VAL A 66 -0.81 3.59 -7.68
C VAL A 66 -1.98 3.02 -8.48
N VAL A 67 -1.87 3.04 -9.81
CA VAL A 67 -2.91 2.50 -10.68
C VAL A 67 -3.10 0.98 -10.53
N ALA A 68 -1.99 0.23 -10.49
CA ALA A 68 -2.07 -1.22 -10.29
C ALA A 68 -2.84 -1.57 -9.02
N MSE A 69 -2.53 -0.83 -7.96
CA MSE A 69 -3.09 -1.10 -6.64
C MSE A 69 -4.57 -0.76 -6.55
O MSE A 69 -5.37 -1.52 -6.01
CB MSE A 69 -2.31 -0.30 -5.61
CG MSE A 69 -2.57 -0.71 -4.18
SE MSE A 69 -1.33 0.25 -3.01
CE MSE A 69 -2.10 2.03 -3.26
N VAL A 70 -4.95 0.40 -7.08
CA VAL A 70 -6.35 0.78 -7.13
C VAL A 70 -7.18 -0.23 -7.94
N LYS A 71 -6.69 -0.62 -9.10
CA LYS A 71 -7.43 -1.55 -9.95
C LYS A 71 -7.64 -2.91 -9.26
N ALA A 72 -6.59 -3.44 -8.66
CA ALA A 72 -6.69 -4.71 -7.96
C ALA A 72 -7.69 -4.62 -6.79
N LEU A 73 -7.64 -3.52 -6.06
CA LEU A 73 -8.54 -3.29 -4.93
C LEU A 73 -10.00 -3.22 -5.36
N ILE A 74 -10.27 -2.50 -6.44
CA ILE A 74 -11.62 -2.40 -6.96
C ILE A 74 -12.16 -3.80 -7.25
N GLU A 75 -11.36 -4.61 -7.95
CA GLU A 75 -11.80 -5.94 -8.34
C GLU A 75 -12.00 -6.82 -7.11
N GLU A 76 -11.07 -6.77 -6.17
CA GLU A 76 -11.04 -7.74 -5.07
C GLU A 76 -11.91 -7.33 -3.88
N MSE A 77 -12.15 -6.04 -3.73
CA MSE A 77 -13.14 -5.55 -2.78
C MSE A 77 -14.55 -5.53 -3.37
O MSE A 77 -15.51 -5.22 -2.68
CB MSE A 77 -12.80 -4.13 -2.30
CG MSE A 77 -11.46 -4.01 -1.62
SE MSE A 77 -11.10 -2.20 -1.05
CE MSE A 77 -12.41 -2.02 0.40
N ASN A 78 -14.67 -5.84 -4.66
CA ASN A 78 -15.93 -5.72 -5.36
C ASN A 78 -16.54 -4.32 -5.31
N ILE A 79 -15.76 -3.30 -5.66
CA ILE A 79 -16.29 -1.94 -5.70
C ILE A 79 -17.16 -1.79 -6.94
N THR A 80 -18.39 -1.28 -6.75
CA THR A 80 -19.37 -1.16 -7.83
C THR A 80 -19.64 0.29 -8.20
N VAL A 81 -19.22 1.22 -7.34
CA VAL A 81 -19.50 2.65 -7.54
C VAL A 81 -18.48 3.30 -8.47
N PRO A 82 -18.80 4.47 -9.04
CA PRO A 82 -17.83 5.13 -9.93
C PRO A 82 -16.58 5.57 -9.17
N VAL A 83 -15.41 5.24 -9.71
CA VAL A 83 -14.13 5.67 -9.12
C VAL A 83 -13.30 6.35 -10.18
N ALA A 84 -12.77 7.53 -9.85
CA ALA A 84 -11.80 8.20 -10.69
C ALA A 84 -10.46 8.28 -9.96
N ILE A 85 -9.37 8.32 -10.72
CA ILE A 85 -8.04 8.55 -10.15
C ILE A 85 -7.52 9.83 -10.77
N HIS A 86 -7.31 10.83 -9.93
CA HIS A 86 -7.10 12.20 -10.38
C HIS A 86 -5.74 12.67 -9.88
N LEU A 87 -4.87 13.08 -10.80
CA LEU A 87 -3.59 13.64 -10.40
C LEU A 87 -3.87 15.01 -9.80
N ASP A 88 -3.48 15.19 -8.54
CA ASP A 88 -3.75 16.44 -7.83
C ASP A 88 -2.56 17.42 -7.96
N HIS A 89 -2.86 18.66 -8.35
CA HIS A 89 -1.84 19.70 -8.49
C HIS A 89 -0.67 19.30 -9.40
N GLY A 90 -0.98 18.67 -10.52
CA GLY A 90 0.01 18.37 -11.53
C GLY A 90 0.92 19.57 -11.82
N SER A 91 2.22 19.32 -11.74
CA SER A 91 3.27 20.33 -11.94
C SER A 91 3.38 20.85 -13.35
N SER A 92 3.10 20.00 -14.34
CA SER A 92 3.44 20.33 -15.72
C SER A 92 2.72 19.42 -16.69
N PHE A 93 2.82 19.74 -17.98
CA PHE A 93 2.31 18.86 -19.01
C PHE A 93 2.92 17.46 -18.86
N GLU A 94 4.22 17.40 -18.61
CA GLU A 94 4.93 16.12 -18.61
C GLU A 94 4.46 15.21 -17.48
N LYS A 95 4.22 15.78 -16.31
CA LYS A 95 3.68 15.02 -15.19
C LYS A 95 2.27 14.51 -15.50
N CYS A 96 1.42 15.38 -16.06
CA CYS A 96 0.06 14.96 -16.42
C CYS A 96 0.07 13.84 -17.47
N LYS A 97 0.93 13.97 -18.47
CA LYS A 97 1.04 12.94 -19.51
C LYS A 97 1.46 11.61 -18.91
N GLU A 98 2.48 11.64 -18.06
CA GLU A 98 2.93 10.43 -17.38
C GLU A 98 1.82 9.76 -16.55
N ALA A 99 1.07 10.55 -15.78
CA ALA A 99 -0.02 10.02 -14.98
C ALA A 99 -1.08 9.39 -15.88
N ILE A 100 -1.40 10.07 -16.98
CA ILE A 100 -2.36 9.56 -17.94
C ILE A 100 -1.93 8.23 -18.58
N ASP A 101 -0.71 8.18 -19.11
CA ASP A 101 -0.16 6.98 -19.72
C ASP A 101 -0.11 5.83 -18.73
N ALA A 102 0.14 6.15 -17.46
CA ALA A 102 0.16 5.14 -16.42
C ALA A 102 -1.24 4.58 -16.16
N GLY A 103 -2.27 5.31 -16.56
CA GLY A 103 -3.64 4.84 -16.40
C GLY A 103 -4.54 5.69 -15.51
N PHE A 104 -4.09 6.88 -15.11
CA PHE A 104 -4.96 7.85 -14.44
C PHE A 104 -6.13 8.21 -15.35
N THR A 105 -7.30 8.46 -14.75
CA THR A 105 -8.47 8.82 -15.55
C THR A 105 -8.84 10.30 -15.46
N SER A 106 -8.05 11.04 -14.71
CA SER A 106 -8.32 12.45 -14.52
C SER A 106 -7.02 13.10 -14.10
N VAL A 107 -6.83 14.35 -14.50
CA VAL A 107 -5.66 15.11 -14.06
C VAL A 107 -6.02 16.56 -13.80
N MSE A 108 -5.33 17.15 -12.84
CA MSE A 108 -5.39 18.57 -12.65
C MSE A 108 -4.04 19.12 -13.07
O MSE A 108 -3.01 18.71 -12.53
CB MSE A 108 -5.65 18.92 -11.20
CG MSE A 108 -5.45 20.39 -10.89
SE MSE A 108 -5.48 20.83 -8.98
CE MSE A 108 -5.87 22.73 -9.13
N ILE A 109 -4.02 20.02 -14.03
CA ILE A 109 -2.81 20.77 -14.32
C ILE A 109 -2.90 22.10 -13.58
N ASP A 110 -2.11 22.25 -12.53
CA ASP A 110 -2.12 23.48 -11.76
C ASP A 110 -0.97 24.39 -12.18
N ALA A 111 -1.29 25.40 -12.98
CA ALA A 111 -0.28 26.36 -13.40
C ALA A 111 -0.72 27.75 -12.97
N SER A 112 -1.42 27.81 -11.84
CA SER A 112 -1.97 29.05 -11.31
C SER A 112 -0.89 30.02 -10.81
N HIS A 113 0.31 29.50 -10.57
CA HIS A 113 1.39 30.34 -10.08
C HIS A 113 2.20 30.93 -11.22
N HIS A 114 1.80 30.61 -12.44
CA HIS A 114 2.41 31.18 -13.62
C HIS A 114 1.51 32.29 -14.16
N PRO A 115 2.09 33.20 -14.96
CA PRO A 115 1.31 34.24 -15.64
C PRO A 115 0.12 33.61 -16.37
N PHE A 116 -1.00 34.33 -16.39
CA PHE A 116 -2.24 33.83 -16.96
C PHE A 116 -2.07 33.18 -18.32
N GLU A 117 -1.47 33.89 -19.26
CA GLU A 117 -1.32 33.37 -20.62
C GLU A 117 -0.49 32.08 -20.68
N GLU A 118 0.49 31.95 -19.81
CA GLU A 118 1.21 30.68 -19.73
C GLU A 118 0.30 29.58 -19.18
N ASN A 119 -0.51 29.93 -18.19
CA ASN A 119 -1.47 28.98 -17.59
C ASN A 119 -2.42 28.43 -18.66
N VAL A 120 -3.00 29.33 -19.45
CA VAL A 120 -3.91 28.98 -20.54
C VAL A 120 -3.26 28.05 -21.57
N GLU A 121 -2.06 28.41 -21.98
CA GLU A 121 -1.32 27.63 -22.98
C GLU A 121 -1.04 26.21 -22.45
N THR A 122 -0.38 26.11 -21.29
CA THR A 122 -0.11 24.82 -20.67
C THR A 122 -1.39 23.98 -20.53
N THR A 123 -2.42 24.58 -19.94
CA THR A 123 -3.69 23.89 -19.69
C THR A 123 -4.34 23.40 -20.98
N LYS A 124 -4.34 24.24 -22.01
CA LYS A 124 -4.90 23.86 -23.29
C LYS A 124 -4.19 22.63 -23.85
N LYS A 125 -2.86 22.60 -23.71
CA LYS A 125 -2.08 21.46 -24.15
C LYS A 125 -2.42 20.18 -23.38
N VAL A 126 -2.49 20.27 -22.05
CA VAL A 126 -2.89 19.11 -21.25
C VAL A 126 -4.26 18.58 -21.68
N VAL A 127 -5.18 19.51 -21.95
CA VAL A 127 -6.54 19.14 -22.37
C VAL A 127 -6.54 18.42 -23.73
N GLU A 128 -5.70 18.87 -24.65
CA GLU A 128 -5.56 18.23 -25.94
C GLU A 128 -5.27 16.75 -25.73
N TYR A 129 -4.24 16.50 -24.94
CA TYR A 129 -3.75 15.15 -24.70
C TYR A 129 -4.75 14.30 -23.92
N ALA A 130 -5.36 14.90 -22.90
CA ALA A 130 -6.30 14.18 -22.04
C ALA A 130 -7.60 13.81 -22.75
N HIS A 131 -8.22 14.78 -23.39
CA HIS A 131 -9.53 14.58 -24.01
C HIS A 131 -9.45 13.57 -25.15
N ALA A 132 -8.31 13.53 -25.83
CA ALA A 132 -8.05 12.51 -26.83
C ALA A 132 -8.03 11.10 -26.23
N ARG A 133 -7.90 11.03 -24.91
CA ARG A 133 -7.79 9.75 -24.22
C ARG A 133 -8.91 9.54 -23.20
N ASN A 134 -9.97 10.36 -23.31
CA ASN A 134 -11.12 10.33 -22.38
C ASN A 134 -10.74 10.52 -20.92
N VAL A 135 -9.80 11.43 -20.70
CA VAL A 135 -9.35 11.79 -19.36
C VAL A 135 -9.91 13.17 -19.06
N SER A 136 -10.54 13.33 -17.90
CA SER A 136 -11.04 14.64 -17.48
C SER A 136 -9.91 15.57 -16.99
N VAL A 137 -10.14 16.88 -17.10
CA VAL A 137 -9.12 17.85 -16.69
C VAL A 137 -9.66 18.92 -15.76
N GLU A 138 -8.91 19.20 -14.70
CA GLU A 138 -9.18 20.33 -13.83
C GLU A 138 -8.01 21.30 -13.98
N ALA A 139 -8.26 22.58 -13.80
CA ALA A 139 -7.20 23.58 -13.78
C ALA A 139 -7.51 24.58 -12.68
N GLU A 140 -6.59 25.49 -12.40
CA GLU A 140 -6.79 26.45 -11.32
C GLU A 140 -6.45 27.91 -11.68
N LEU A 141 -7.14 28.84 -11.04
CA LEU A 141 -6.77 30.24 -11.06
C LEU A 141 -6.82 30.76 -9.63
N GLY A 142 -5.94 31.69 -9.30
CA GLY A 142 -5.76 32.09 -7.92
C GLY A 142 -4.89 31.09 -7.20
N THR A 143 -4.54 31.40 -5.95
CA THR A 143 -3.66 30.56 -5.16
C THR A 143 -4.36 30.02 -3.93
N VAL A 144 -4.31 28.70 -3.75
CA VAL A 144 -4.81 28.03 -2.56
C VAL A 144 -3.83 28.26 -1.41
N GLY A 145 -4.34 28.62 -0.25
CA GLY A 145 -3.51 28.89 0.91
C GLY A 145 -2.85 27.63 1.45
N GLY A 146 -1.95 27.80 2.40
CA GLY A 146 -1.18 26.69 2.94
C GLY A 146 -0.55 26.97 4.30
N GLN A 147 0.36 26.11 4.71
CA GLN A 147 0.94 26.25 6.04
C GLN A 147 2.30 26.94 6.00
N GLU A 148 2.64 27.52 4.84
CA GLU A 148 3.93 28.17 4.61
C GLU A 148 4.23 29.31 5.58
N ASP A 149 5.52 29.58 5.73
CA ASP A 149 5.97 30.67 6.59
C ASP A 149 5.94 31.98 5.85
N ASP A 150 5.80 33.06 6.61
CA ASP A 150 5.99 34.40 6.09
C ASP A 150 5.18 34.66 4.82
N VAL A 151 3.87 34.36 4.84
CA VAL A 151 2.97 34.73 3.76
C VAL A 151 1.87 35.64 4.26
N ILE A 152 1.32 36.43 3.34
CA ILE A 152 0.10 37.20 3.59
C ILE A 152 -1.11 36.29 3.50
N ALA A 153 -2.02 36.41 4.46
CA ALA A 153 -3.30 35.69 4.43
C ALA A 153 -3.17 34.20 4.13
N GLU A 154 -2.24 33.52 4.79
CA GLU A 154 -2.02 32.09 4.58
C GLU A 154 -1.64 31.77 3.13
N GLY A 155 -1.32 32.81 2.36
CA GLY A 155 -0.89 32.62 0.98
C GLY A 155 -2.04 32.59 0.00
N VAL A 156 -3.23 32.96 0.47
CA VAL A 156 -4.41 32.99 -0.39
C VAL A 156 -4.32 34.16 -1.37
N ILE A 157 -4.57 33.87 -2.65
CA ILE A 157 -4.79 34.91 -3.66
C ILE A 157 -6.06 34.57 -4.46
N TYR A 158 -7.09 35.41 -4.34
CA TYR A 158 -8.36 35.15 -5.02
C TYR A 158 -8.25 35.06 -6.52
N ALA A 159 -8.95 34.10 -7.12
CA ALA A 159 -9.10 34.01 -8.57
C ALA A 159 -9.82 35.23 -9.13
N ASP A 160 -9.57 35.53 -10.39
CA ASP A 160 -10.24 36.63 -11.08
C ASP A 160 -11.32 36.06 -11.99
N PRO A 161 -12.60 36.38 -11.72
CA PRO A 161 -13.69 35.76 -12.48
C PRO A 161 -13.57 35.97 -13.99
N ALA A 162 -13.07 37.12 -14.41
CA ALA A 162 -12.85 37.39 -15.83
C ALA A 162 -11.82 36.42 -16.45
N GLU A 163 -10.72 36.19 -15.74
CA GLU A 163 -9.76 35.17 -16.16
C GLU A 163 -10.37 33.78 -16.13
N CYS A 164 -11.24 33.52 -15.15
CA CYS A 164 -11.88 32.22 -15.10
C CYS A 164 -12.66 31.97 -16.39
N LYS A 165 -13.43 32.97 -16.79
CA LYS A 165 -14.19 32.89 -18.02
C LYS A 165 -13.27 32.63 -19.22
N HIS A 166 -12.21 33.42 -19.33
CA HIS A 166 -11.31 33.30 -20.47
C HIS A 166 -10.62 31.91 -20.50
N LEU A 167 -10.12 31.46 -19.36
CA LEU A 167 -9.40 30.20 -19.34
C LEU A 167 -10.29 29.02 -19.67
N VAL A 168 -11.50 29.01 -19.13
CA VAL A 168 -12.43 27.93 -19.42
C VAL A 168 -12.83 27.90 -20.89
N GLU A 169 -13.04 29.09 -21.46
CA GLU A 169 -13.41 29.24 -22.88
C GLU A 169 -12.31 28.79 -23.79
N ALA A 170 -11.08 29.18 -23.46
CA ALA A 170 -9.92 28.88 -24.29
C ALA A 170 -9.41 27.44 -24.20
N THR A 171 -9.61 26.77 -23.07
CA THR A 171 -8.99 25.46 -22.88
C THR A 171 -9.96 24.30 -22.94
N GLY A 172 -11.21 24.54 -22.55
CA GLY A 172 -12.21 23.48 -22.53
C GLY A 172 -12.10 22.50 -21.37
N ILE A 173 -11.48 22.93 -20.28
CA ILE A 173 -11.36 22.07 -19.10
C ILE A 173 -12.73 21.58 -18.65
N ASP A 174 -12.75 20.45 -17.96
CA ASP A 174 -14.03 19.88 -17.52
C ASP A 174 -14.50 20.49 -16.21
N CYS A 175 -13.54 20.90 -15.37
CA CYS A 175 -13.86 21.59 -14.12
C CYS A 175 -12.76 22.58 -13.74
N LEU A 176 -13.08 23.52 -12.85
CA LEU A 176 -12.18 24.62 -12.53
C LEU A 176 -12.13 24.83 -11.05
N ALA A 177 -10.93 25.01 -10.52
CA ALA A 177 -10.78 25.42 -9.11
C ALA A 177 -10.48 26.91 -9.04
N PRO A 178 -11.49 27.75 -8.72
CA PRO A 178 -11.16 29.16 -8.54
C PRO A 178 -10.79 29.34 -7.07
N ALA A 179 -9.51 29.57 -6.77
CA ALA A 179 -9.07 29.66 -5.39
C ALA A 179 -9.64 30.93 -4.77
N LEU A 180 -10.48 30.76 -3.74
CA LEU A 180 -11.22 31.87 -3.18
C LEU A 180 -11.24 31.85 -1.66
N GLY A 181 -10.14 31.44 -1.04
CA GLY A 181 -10.06 31.40 0.41
C GLY A 181 -9.71 30.04 0.97
N SER A 182 -9.76 29.03 0.12
CA SER A 182 -9.30 27.71 0.49
C SER A 182 -7.88 27.76 1.02
N VAL A 183 -7.63 27.06 2.12
CA VAL A 183 -6.28 26.85 2.61
C VAL A 183 -6.09 25.35 2.71
N HIS A 184 -4.99 24.82 2.19
CA HIS A 184 -4.63 23.41 2.44
C HIS A 184 -4.20 23.25 3.90
N GLY A 185 -4.78 22.25 4.58
CA GLY A 185 -4.50 22.02 5.99
C GLY A 185 -5.40 22.86 6.88
N PRO A 186 -5.07 23.01 8.17
CA PRO A 186 -5.97 23.79 9.05
C PRO A 186 -6.01 25.28 8.71
N TYR A 187 -7.18 25.88 8.87
CA TYR A 187 -7.32 27.32 8.77
C TYR A 187 -6.83 28.02 10.05
N LYS A 188 -6.23 29.21 9.89
CA LYS A 188 -5.80 30.01 11.04
C LYS A 188 -7.02 30.48 11.82
N GLY A 189 -7.99 31.05 11.11
CA GLY A 189 -9.26 31.37 11.74
C GLY A 189 -10.39 30.66 11.02
N GLU A 190 -11.58 31.25 11.06
CA GLU A 190 -12.66 30.82 10.20
C GLU A 190 -12.27 31.06 8.74
N PRO A 191 -12.55 30.09 7.87
CA PRO A 191 -12.27 30.34 6.46
C PRO A 191 -12.95 31.64 6.00
N ASN A 192 -12.30 32.36 5.08
CA ASN A 192 -12.92 33.53 4.49
C ASN A 192 -13.09 33.29 3.00
N LEU A 193 -14.17 32.59 2.66
CA LEU A 193 -14.43 32.22 1.27
C LEU A 193 -15.11 33.36 0.53
N GLY A 194 -14.67 33.60 -0.70
CA GLY A 194 -15.24 34.64 -1.53
C GLY A 194 -16.46 34.17 -2.29
N PHE A 195 -17.58 34.05 -1.59
CA PHE A 195 -18.82 33.56 -2.17
C PHE A 195 -19.35 34.47 -3.27
N ALA A 196 -19.16 35.77 -3.14
CA ALA A 196 -19.57 36.72 -4.16
C ALA A 196 -18.78 36.48 -5.47
N GLU A 197 -17.47 36.32 -5.34
CA GLU A 197 -16.61 35.99 -6.48
C GLU A 197 -16.98 34.62 -7.06
N MSE A 198 -17.18 33.63 -6.19
CA MSE A 198 -17.60 32.29 -6.61
C MSE A 198 -18.88 32.33 -7.42
O MSE A 198 -19.01 31.66 -8.43
CB MSE A 198 -17.76 31.38 -5.39
CG MSE A 198 -17.85 29.91 -5.74
SE MSE A 198 -18.21 28.72 -4.22
CE MSE A 198 -16.68 29.18 -3.09
N GLU A 199 -19.85 33.13 -6.96
CA GLU A 199 -21.14 33.24 -7.64
C GLU A 199 -20.94 33.72 -9.07
N GLN A 200 -19.99 34.63 -9.25
CA GLN A 200 -19.65 35.19 -10.55
C GLN A 200 -18.87 34.20 -11.43
N VAL A 201 -17.98 33.43 -10.80
CA VAL A 201 -17.29 32.39 -11.54
C VAL A 201 -18.29 31.33 -12.00
N ARG A 202 -19.24 30.97 -11.14
CA ARG A 202 -20.32 30.05 -11.53
C ARG A 202 -21.10 30.60 -12.72
N ASP A 203 -21.55 31.86 -12.62
CA ASP A 203 -22.31 32.50 -13.71
C ASP A 203 -21.62 32.42 -15.05
N PHE A 204 -20.32 32.73 -15.04
CA PHE A 204 -19.60 33.04 -16.27
C PHE A 204 -18.71 31.93 -16.84
N THR A 205 -18.57 30.82 -16.11
CA THR A 205 -17.85 29.67 -16.66
C THR A 205 -18.82 28.55 -17.06
N GLY A 206 -19.85 28.33 -16.24
CA GLY A 206 -20.83 27.29 -16.52
C GLY A 206 -20.32 25.85 -16.33
N VAL A 207 -19.15 25.68 -15.71
CA VAL A 207 -18.60 24.34 -15.43
C VAL A 207 -18.56 24.01 -13.93
N PRO A 208 -18.53 22.71 -13.60
CA PRO A 208 -18.39 22.36 -12.18
C PRO A 208 -17.16 23.02 -11.55
N LEU A 209 -17.33 23.61 -10.37
CA LEU A 209 -16.20 24.24 -9.69
C LEU A 209 -15.64 23.29 -8.63
N VAL A 210 -14.37 23.50 -8.30
CA VAL A 210 -13.70 22.65 -7.33
C VAL A 210 -13.29 23.52 -6.15
N LEU A 211 -13.57 22.99 -4.97
CA LEU A 211 -13.25 23.68 -3.73
C LEU A 211 -12.15 22.89 -3.03
N HIS A 212 -10.96 23.49 -2.98
CA HIS A 212 -9.80 22.90 -2.32
C HIS A 212 -9.78 23.19 -0.82
N GLY A 213 -8.89 22.48 -0.13
CA GLY A 213 -8.68 22.68 1.29
C GLY A 213 -9.93 22.44 2.12
N GLY A 214 -10.57 21.29 1.93
CA GLY A 214 -11.82 20.99 2.58
C GLY A 214 -11.77 20.85 4.08
N THR A 215 -10.64 20.40 4.62
CA THR A 215 -10.49 20.24 6.06
C THR A 215 -10.65 21.59 6.78
N GLY A 216 -11.55 21.69 7.74
CA GLY A 216 -11.70 22.94 8.46
C GLY A 216 -12.77 23.87 7.91
N ILE A 217 -13.31 23.53 6.75
CA ILE A 217 -14.41 24.34 6.20
C ILE A 217 -15.72 23.87 6.84
N PRO A 218 -16.36 24.74 7.65
CA PRO A 218 -17.59 24.35 8.36
C PRO A 218 -18.74 24.04 7.40
N THR A 219 -19.65 23.20 7.87
CA THR A 219 -20.78 22.75 7.08
C THR A 219 -21.51 23.86 6.33
N ALA A 220 -21.73 25.01 6.97
CA ALA A 220 -22.46 26.10 6.33
C ALA A 220 -21.76 26.58 5.05
N ASP A 221 -20.43 26.65 5.11
CA ASP A 221 -19.64 27.06 3.93
C ASP A 221 -19.68 25.98 2.85
N ILE A 222 -19.71 24.72 3.26
CA ILE A 222 -19.81 23.62 2.29
C ILE A 222 -21.13 23.69 1.52
N GLU A 223 -22.25 23.84 2.24
CA GLU A 223 -23.55 23.96 1.60
C GLU A 223 -23.61 25.19 0.69
N LYS A 224 -23.11 26.31 1.18
CA LYS A 224 -23.12 27.54 0.38
C LYS A 224 -22.33 27.33 -0.92
N ALA A 225 -21.13 26.75 -0.81
CA ALA A 225 -20.26 26.59 -1.97
C ALA A 225 -20.94 25.71 -3.00
N ILE A 226 -21.54 24.61 -2.54
CA ILE A 226 -22.25 23.71 -3.43
C ILE A 226 -23.39 24.45 -4.12
N SER A 227 -24.10 25.29 -3.37
CA SER A 227 -25.23 26.03 -3.91
C SER A 227 -24.78 27.04 -4.96
N LEU A 228 -23.49 27.33 -5.00
CA LEU A 228 -22.93 28.28 -5.94
C LEU A 228 -22.06 27.62 -7.00
N GLY A 229 -22.30 26.34 -7.27
CA GLY A 229 -21.63 25.71 -8.40
C GLY A 229 -20.51 24.74 -8.10
N THR A 230 -20.11 24.62 -6.84
CA THR A 230 -19.08 23.66 -6.45
C THR A 230 -19.62 22.24 -6.58
N SER A 231 -18.93 21.37 -7.31
CA SER A 231 -19.34 19.97 -7.48
C SER A 231 -18.27 18.97 -7.04
N LYS A 232 -17.10 19.47 -6.69
CA LYS A 232 -16.00 18.65 -6.22
C LYS A 232 -15.33 19.37 -5.06
N ILE A 233 -15.15 18.65 -3.96
CA ILE A 233 -14.55 19.18 -2.76
C ILE A 233 -13.44 18.24 -2.30
N ASN A 234 -12.26 18.79 -2.05
CA ASN A 234 -11.10 17.97 -1.71
C ASN A 234 -10.90 17.88 -0.20
N VAL A 235 -10.75 16.68 0.33
CA VAL A 235 -10.37 16.51 1.74
C VAL A 235 -9.14 15.63 1.85
N ASN A 236 -8.15 16.10 2.62
CA ASN A 236 -6.93 15.35 2.82
C ASN A 236 -6.48 15.37 4.27
N THR A 237 -6.16 16.57 4.75
CA THR A 237 -5.72 16.77 6.12
C THR A 237 -6.59 16.07 7.18
N GLU A 238 -7.92 16.21 7.07
CA GLU A 238 -8.81 15.64 8.07
C GLU A 238 -8.59 14.12 8.28
N ASN A 239 -8.42 13.38 7.18
CA ASN A 239 -8.08 11.95 7.23
C ASN A 239 -6.76 11.67 7.95
N GLN A 240 -5.75 12.49 7.72
CA GLN A 240 -4.48 12.34 8.41
C GLN A 240 -4.65 12.54 9.90
N ILE A 241 -5.37 13.61 10.25
CA ILE A 241 -5.63 13.95 11.65
C ILE A 241 -6.32 12.80 12.39
N GLU A 242 -7.40 12.29 11.82
CA GLU A 242 -8.17 11.22 12.43
C GLU A 242 -7.42 9.89 12.44
N PHE A 243 -6.72 9.59 11.35
CA PHE A 243 -5.84 8.43 11.31
C PHE A 243 -4.87 8.47 12.49
N THR A 244 -4.20 9.60 12.68
CA THR A 244 -3.12 9.68 13.67
C THR A 244 -3.66 9.70 15.09
N LYS A 245 -4.81 10.34 15.28
CA LYS A 245 -5.46 10.32 16.59
C LYS A 245 -5.75 8.89 17.05
N ALA A 246 -6.24 8.07 16.14
CA ALA A 246 -6.55 6.69 16.46
C ALA A 246 -5.28 5.87 16.71
N VAL A 247 -4.22 6.18 15.96
CA VAL A 247 -2.93 5.52 16.14
C VAL A 247 -2.31 5.90 17.48
N ARG A 248 -2.33 7.18 17.82
CA ARG A 248 -1.90 7.61 19.16
C ARG A 248 -2.66 6.88 20.27
N GLU A 249 -3.98 6.85 20.20
CA GLU A 249 -4.80 6.22 21.22
C GLU A 249 -4.27 4.80 21.51
N VAL A 250 -4.16 3.98 20.47
CA VAL A 250 -3.71 2.60 20.66
C VAL A 250 -2.31 2.49 21.24
N LEU A 251 -1.39 3.36 20.80
CA LEU A 251 0.00 3.24 21.21
C LEU A 251 0.22 3.75 22.64
N ASN A 252 -0.61 4.70 23.06
CA ASN A 252 -0.58 5.21 24.45
C ASN A 252 -1.21 4.25 25.44
N LYS A 253 -2.27 3.55 25.02
CA LYS A 253 -2.97 2.68 25.94
C LYS A 253 -2.26 1.35 26.11
N ASP A 254 -1.52 0.93 25.09
CA ASP A 254 -0.77 -0.33 25.12
C ASP A 254 0.68 -0.09 24.73
N GLN A 255 1.54 0.07 25.73
CA GLN A 255 2.96 0.36 25.52
C GLN A 255 3.80 -0.81 24.99
N GLU A 256 3.19 -1.99 24.87
CA GLU A 256 3.92 -3.19 24.44
C GLU A 256 3.74 -3.55 22.96
N VAL A 257 2.55 -3.28 22.46
CA VAL A 257 2.14 -3.78 21.16
C VAL A 257 3.09 -3.31 20.03
N TYR A 258 3.38 -4.21 19.10
CA TYR A 258 4.23 -3.87 17.95
C TYR A 258 3.64 -4.38 16.64
N ASP A 259 2.58 -5.17 16.75
CA ASP A 259 1.88 -5.65 15.56
C ASP A 259 1.20 -4.48 14.84
N PRO A 260 1.71 -4.10 13.65
CA PRO A 260 1.26 -2.86 13.00
C PRO A 260 -0.25 -2.76 12.78
N ARG A 261 -0.89 -3.87 12.43
CA ARG A 261 -2.32 -3.82 12.14
C ARG A 261 -3.17 -3.49 13.38
N LYS A 262 -2.56 -3.54 14.56
CA LYS A 262 -3.28 -3.21 15.79
C LYS A 262 -3.41 -1.71 15.99
N PHE A 263 -2.50 -0.94 15.39
CA PHE A 263 -2.67 0.52 15.39
C PHE A 263 -3.07 1.09 14.02
N ILE A 264 -2.60 0.47 12.95
CA ILE A 264 -2.98 0.95 11.62
C ILE A 264 -4.42 0.61 11.25
N GLY A 265 -4.91 -0.55 11.69
CA GLY A 265 -6.31 -0.91 11.54
C GLY A 265 -7.28 0.14 12.10
N PRO A 266 -7.19 0.42 13.41
CA PRO A 266 -8.08 1.47 13.94
C PRO A 266 -7.92 2.79 13.20
N GLY A 267 -6.72 3.10 12.73
CA GLY A 267 -6.47 4.32 12.00
C GLY A 267 -7.19 4.33 10.66
N ARG A 268 -7.20 3.16 10.01
CA ARG A 268 -7.88 2.95 8.74
C ARG A 268 -9.39 3.04 8.95
N ASP A 269 -9.87 2.50 10.07
CA ASP A 269 -11.29 2.57 10.41
C ASP A 269 -11.70 4.04 10.64
N ALA A 270 -10.83 4.78 11.30
CA ALA A 270 -11.09 6.18 11.58
C ALA A 270 -11.24 6.94 10.26
N ILE A 271 -10.36 6.64 9.30
CA ILE A 271 -10.45 7.27 7.98
C ILE A 271 -11.75 6.91 7.31
N LYS A 272 -12.11 5.63 7.33
CA LYS A 272 -13.36 5.21 6.73
C LYS A 272 -14.54 6.02 7.28
N ALA A 273 -14.61 6.17 8.61
CA ALA A 273 -15.74 6.85 9.21
C ALA A 273 -15.71 8.33 8.86
N THR A 274 -14.50 8.89 8.73
CA THR A 274 -14.32 10.28 8.35
C THR A 274 -14.83 10.55 6.93
N VAL A 275 -14.50 9.64 6.02
CA VAL A 275 -14.88 9.79 4.61
C VAL A 275 -16.41 9.63 4.44
N ILE A 276 -16.96 8.65 5.13
CA ILE A 276 -18.41 8.47 5.18
C ILE A 276 -19.11 9.76 5.64
N GLY A 277 -18.57 10.42 6.67
CA GLY A 277 -19.16 11.66 7.14
C GLY A 277 -19.13 12.76 6.10
N LYS A 278 -18.00 12.91 5.42
CA LYS A 278 -17.86 13.92 4.38
C LYS A 278 -18.70 13.59 3.15
N ILE A 279 -18.77 12.31 2.79
CA ILE A 279 -19.64 11.90 1.71
C ILE A 279 -21.08 12.38 1.96
N ARG A 280 -21.61 12.09 3.15
CA ARG A 280 -22.96 12.49 3.51
C ARG A 280 -23.12 14.01 3.54
N GLU A 281 -22.09 14.69 4.02
CA GLU A 281 -22.12 16.15 4.09
C GLU A 281 -22.14 16.76 2.69
N PHE A 282 -21.49 16.11 1.74
CA PHE A 282 -21.40 16.63 0.40
C PHE A 282 -22.66 16.29 -0.39
N GLY A 283 -23.41 15.30 0.08
CA GLY A 283 -24.63 14.90 -0.57
C GLY A 283 -24.50 13.86 -1.67
N SER A 284 -23.39 13.12 -1.69
CA SER A 284 -23.17 12.15 -2.76
C SER A 284 -23.58 10.71 -2.43
N ASN A 285 -24.00 10.47 -1.19
CA ASN A 285 -24.51 9.15 -0.79
C ASN A 285 -25.77 8.81 -1.59
N GLY A 286 -25.83 7.60 -2.13
CA GLY A 286 -26.93 7.18 -2.98
C GLY A 286 -26.82 7.64 -4.44
N LYS A 287 -25.77 8.39 -4.77
CA LYS A 287 -25.65 8.96 -6.12
C LYS A 287 -24.83 8.14 -7.11
N ALA A 288 -24.27 7.02 -6.67
CA ALA A 288 -23.53 6.13 -7.57
C ALA A 288 -24.40 5.76 -8.77
N MSE B 4 11.54 -8.29 -15.96
CA MSE B 4 12.09 -9.32 -15.08
C MSE B 4 11.03 -9.83 -14.09
O MSE B 4 10.72 -9.17 -13.10
CB MSE B 4 13.36 -8.82 -14.37
CG MSE B 4 13.22 -8.43 -12.90
SE MSE B 4 13.55 -9.92 -11.66
CE MSE B 4 13.09 -8.99 -10.00
N PRO B 5 10.43 -10.98 -14.40
CA PRO B 5 9.31 -11.49 -13.60
C PRO B 5 9.71 -12.15 -12.26
N LEU B 6 8.72 -12.35 -11.40
CA LEU B 6 8.91 -13.12 -10.19
C LEU B 6 9.38 -14.52 -10.55
N VAL B 7 10.17 -15.12 -9.67
CA VAL B 7 10.56 -16.52 -9.80
C VAL B 7 10.06 -17.36 -8.62
N SER B 8 10.03 -18.68 -8.78
CA SER B 8 9.80 -19.58 -7.66
C SER B 8 11.04 -19.56 -6.78
N MSE B 9 11.02 -20.33 -5.69
CA MSE B 9 12.14 -20.38 -4.76
C MSE B 9 13.20 -21.42 -5.14
O MSE B 9 14.24 -21.51 -4.49
CB MSE B 9 11.64 -20.69 -3.35
CG MSE B 9 10.68 -19.66 -2.79
SE MSE B 9 10.48 -19.87 -0.87
CE MSE B 9 10.01 -21.76 -0.78
N LYS B 10 12.91 -22.23 -6.15
CA LYS B 10 13.74 -23.41 -6.42
C LYS B 10 15.20 -23.08 -6.66
N GLU B 11 15.45 -22.23 -7.65
CA GLU B 11 16.82 -21.94 -8.03
C GLU B 11 17.54 -21.23 -6.88
N MSE B 12 16.90 -20.23 -6.28
CA MSE B 12 17.57 -19.44 -5.26
C MSE B 12 17.93 -20.28 -4.03
O MSE B 12 19.00 -20.10 -3.44
CB MSE B 12 16.75 -18.21 -4.89
CG MSE B 12 15.44 -18.49 -4.16
SE MSE B 12 14.54 -16.83 -3.63
CE MSE B 12 13.78 -16.34 -5.37
N LEU B 13 17.07 -21.21 -3.64
CA LEU B 13 17.35 -22.04 -2.47
C LEU B 13 18.40 -23.10 -2.77
N ASN B 14 18.40 -23.65 -3.98
CA ASN B 14 19.45 -24.60 -4.33
C ASN B 14 20.82 -23.92 -4.38
N LYS B 15 20.84 -22.65 -4.76
CA LYS B 15 22.08 -21.90 -4.80
C LYS B 15 22.54 -21.62 -3.38
N ALA B 16 21.60 -21.30 -2.52
CA ALA B 16 21.94 -21.03 -1.13
C ALA B 16 22.50 -22.29 -0.49
N LEU B 17 21.86 -23.43 -0.75
CA LEU B 17 22.29 -24.71 -0.17
C LEU B 17 23.73 -25.05 -0.57
N GLU B 18 24.02 -24.90 -1.86
CA GLU B 18 25.35 -25.18 -2.34
C GLU B 18 26.35 -24.15 -1.86
N GLY B 19 25.89 -22.90 -1.75
CA GLY B 19 26.74 -21.77 -1.44
C GLY B 19 26.94 -21.66 0.07
N LYS B 20 26.22 -22.50 0.82
CA LYS B 20 26.28 -22.47 2.28
C LYS B 20 25.95 -21.08 2.82
N TYR B 21 24.84 -20.53 2.36
CA TYR B 21 24.27 -19.32 2.95
C TYR B 21 22.76 -19.52 2.95
N ALA B 22 22.02 -18.53 3.44
CA ALA B 22 20.57 -18.61 3.47
C ALA B 22 19.91 -17.43 2.78
N VAL B 23 18.75 -17.67 2.17
CA VAL B 23 17.91 -16.59 1.69
C VAL B 23 16.89 -16.23 2.77
N GLY B 24 16.78 -14.95 3.09
CA GLY B 24 15.76 -14.49 4.02
C GLY B 24 14.38 -14.45 3.42
N GLN B 25 13.40 -14.97 4.15
CA GLN B 25 12.01 -14.64 3.87
C GLN B 25 11.62 -13.51 4.79
N PHE B 26 11.09 -12.43 4.24
CA PHE B 26 10.61 -11.32 5.07
C PHE B 26 9.13 -11.11 4.80
N ASN B 27 8.32 -11.22 5.85
CA ASN B 27 6.87 -11.11 5.68
C ASN B 27 6.40 -9.68 5.32
N MSE B 28 5.51 -9.62 4.33
CA MSE B 28 4.90 -8.39 3.86
C MSE B 28 3.68 -8.10 4.70
O MSE B 28 2.88 -9.00 4.93
CB MSE B 28 4.37 -8.58 2.45
CG MSE B 28 5.33 -8.47 1.34
SE MSE B 28 4.37 -8.89 -0.31
CE MSE B 28 2.93 -7.59 -0.24
N ASN B 29 3.52 -6.86 5.12
CA ASN B 29 2.34 -6.47 5.89
C ASN B 29 1.58 -5.34 5.24
N ASN B 30 2.24 -4.59 4.37
CA ASN B 30 1.58 -3.55 3.58
C ASN B 30 2.50 -2.96 2.50
N LEU B 31 2.07 -1.84 1.90
CA LEU B 31 2.80 -1.21 0.81
C LEU B 31 4.21 -0.78 1.24
N GLU B 32 4.29 0.00 2.30
CA GLU B 32 5.59 0.46 2.81
C GLU B 32 6.48 -0.72 3.23
N TRP B 33 5.89 -1.73 3.87
CA TRP B 33 6.61 -2.94 4.21
C TRP B 33 7.29 -3.54 2.96
N THR B 34 6.54 -3.64 1.87
CA THR B 34 7.06 -4.25 0.64
C THR B 34 8.18 -3.43 0.00
N GLN B 35 7.97 -2.12 -0.07
CA GLN B 35 8.99 -1.23 -0.60
C GLN B 35 10.31 -1.39 0.16
N ALA B 36 10.23 -1.48 1.48
CA ALA B 36 11.42 -1.60 2.33
C ALA B 36 12.16 -2.92 2.12
N ILE B 37 11.42 -4.02 2.04
CA ILE B 37 12.04 -5.32 1.79
C ILE B 37 12.73 -5.36 0.41
N LEU B 38 12.01 -4.92 -0.62
CA LEU B 38 12.57 -4.89 -1.97
C LEU B 38 13.80 -3.98 -2.07
N ALA B 39 13.74 -2.80 -1.47
CA ALA B 39 14.89 -1.89 -1.47
C ALA B 39 16.11 -2.50 -0.78
N ALA B 40 15.88 -3.19 0.33
CA ALA B 40 16.97 -3.86 1.03
C ALA B 40 17.64 -4.91 0.14
N ALA B 41 16.83 -5.79 -0.43
CA ALA B 41 17.34 -6.88 -1.26
C ALA B 41 18.13 -6.30 -2.44
N GLU B 42 17.55 -5.33 -3.12
CA GLU B 42 18.17 -4.75 -4.30
C GLU B 42 19.49 -4.12 -3.93
N GLU B 43 19.52 -3.40 -2.80
CA GLU B 43 20.73 -2.73 -2.38
C GLU B 43 21.83 -3.75 -2.05
N GLU B 44 21.43 -4.88 -1.49
CA GLU B 44 22.38 -5.90 -1.10
C GLU B 44 22.65 -6.86 -2.24
N LYS B 45 22.01 -6.63 -3.39
CA LYS B 45 22.13 -7.56 -4.50
C LYS B 45 21.94 -8.98 -3.97
N SER B 46 20.75 -9.23 -3.44
CA SER B 46 20.44 -10.50 -2.82
C SER B 46 19.08 -10.98 -3.30
N PRO B 47 18.96 -12.29 -3.53
CA PRO B 47 17.61 -12.85 -3.69
C PRO B 47 16.79 -12.51 -2.44
N VAL B 48 15.48 -12.47 -2.57
CA VAL B 48 14.61 -12.28 -1.42
C VAL B 48 13.29 -13.02 -1.61
N ILE B 49 12.70 -13.41 -0.49
CA ILE B 49 11.43 -14.09 -0.50
C ILE B 49 10.47 -13.20 0.25
N LEU B 50 9.38 -12.83 -0.42
CA LEU B 50 8.31 -12.07 0.22
C LEU B 50 7.29 -13.05 0.82
N GLY B 51 7.20 -13.09 2.13
CA GLY B 51 6.27 -14.01 2.78
C GLY B 51 4.90 -13.38 2.99
N VAL B 52 3.84 -14.12 2.71
CA VAL B 52 2.49 -13.64 2.95
C VAL B 52 1.66 -14.66 3.73
N SER B 53 1.38 -14.39 5.00
CA SER B 53 0.44 -15.23 5.76
C SER B 53 -0.94 -15.02 5.17
N GLU B 54 -1.88 -15.91 5.47
CA GLU B 54 -3.26 -15.73 5.02
C GLU B 54 -3.93 -14.54 5.71
N GLY B 55 -3.51 -14.26 6.93
CA GLY B 55 -4.07 -13.15 7.69
C GLY B 55 -3.57 -11.83 7.09
N ALA B 56 -2.31 -11.80 6.71
CA ALA B 56 -1.75 -10.60 6.12
C ALA B 56 -2.34 -10.40 4.74
N ALA B 57 -2.61 -11.51 4.05
CA ALA B 57 -3.23 -11.41 2.74
C ALA B 57 -4.57 -10.67 2.88
N ARG B 58 -5.36 -11.09 3.87
CA ARG B 58 -6.66 -10.46 4.14
C ARG B 58 -6.50 -9.00 4.53
N HIS B 59 -5.57 -8.69 5.42
CA HIS B 59 -5.34 -7.32 5.81
C HIS B 59 -5.11 -6.46 4.55
N MSE B 60 -4.50 -7.06 3.53
CA MSE B 60 -4.21 -6.39 2.26
C MSE B 60 -5.26 -6.73 1.22
O MSE B 60 -5.00 -6.75 0.02
CB MSE B 60 -2.81 -6.79 1.76
CG MSE B 60 -1.66 -6.27 2.61
SE MSE B 60 0.16 -6.80 2.02
CE MSE B 60 0.07 -8.69 2.58
N THR B 61 -6.48 -7.00 1.71
CA THR B 61 -7.63 -7.32 0.86
C THR B 61 -7.61 -8.74 0.30
N GLY B 62 -6.55 -9.11 -0.44
CA GLY B 62 -6.45 -10.48 -0.95
C GLY B 62 -5.19 -10.83 -1.71
N PHE B 63 -5.08 -12.09 -2.14
CA PHE B 63 -3.91 -12.54 -2.91
C PHE B 63 -3.69 -11.72 -4.18
N LYS B 64 -4.78 -11.34 -4.85
CA LYS B 64 -4.67 -10.62 -6.13
C LYS B 64 -4.08 -9.24 -5.95
N THR B 65 -4.52 -8.53 -4.91
CA THR B 65 -3.97 -7.21 -4.59
C THR B 65 -2.49 -7.30 -4.22
N VAL B 66 -2.14 -8.34 -3.45
CA VAL B 66 -0.74 -8.58 -3.10
C VAL B 66 0.13 -8.69 -4.35
N VAL B 67 -0.25 -9.57 -5.26
CA VAL B 67 0.53 -9.78 -6.48
C VAL B 67 0.63 -8.51 -7.35
N ALA B 68 -0.49 -7.79 -7.51
CA ALA B 68 -0.49 -6.59 -8.36
C ALA B 68 0.48 -5.55 -7.82
N MSE B 69 0.45 -5.39 -6.50
CA MSE B 69 1.31 -4.45 -5.82
C MSE B 69 2.79 -4.82 -5.99
O MSE B 69 3.60 -3.97 -6.35
CB MSE B 69 0.94 -4.46 -4.34
CG MSE B 69 1.50 -3.34 -3.51
SE MSE B 69 0.25 -3.06 -2.03
CE MSE B 69 0.60 -4.73 -1.06
N VAL B 70 3.12 -6.08 -5.74
CA VAL B 70 4.49 -6.54 -5.88
C VAL B 70 4.99 -6.43 -7.31
N LYS B 71 4.20 -6.91 -8.27
CA LYS B 71 4.60 -6.80 -9.69
C LYS B 71 4.86 -5.35 -10.11
N ALA B 72 4.01 -4.44 -9.66
CA ALA B 72 4.16 -3.03 -10.04
C ALA B 72 5.40 -2.41 -9.39
N LEU B 73 5.61 -2.72 -8.11
CA LEU B 73 6.77 -2.20 -7.38
C LEU B 73 8.05 -2.72 -8.00
N ILE B 74 8.08 -4.01 -8.30
CA ILE B 74 9.22 -4.62 -8.93
C ILE B 74 9.62 -3.83 -10.19
N GLU B 75 8.66 -3.59 -11.08
CA GLU B 75 8.93 -2.81 -12.29
C GLU B 75 9.28 -1.36 -12.02
N GLU B 76 8.53 -0.71 -11.12
CA GLU B 76 8.66 0.73 -10.98
C GLU B 76 9.82 1.15 -10.08
N MSE B 77 10.27 0.27 -9.19
CA MSE B 77 11.47 0.51 -8.38
C MSE B 77 12.70 -0.04 -9.09
O MSE B 77 13.81 0.07 -8.58
CB MSE B 77 11.37 -0.18 -7.01
CG MSE B 77 10.22 0.27 -6.11
SE MSE B 77 10.16 -0.80 -4.46
CE MSE B 77 11.71 -0.07 -3.54
N ASN B 78 12.50 -0.65 -10.25
CA ASN B 78 13.61 -1.25 -11.00
C ASN B 78 14.34 -2.33 -10.20
N ILE B 79 13.58 -3.28 -9.66
CA ILE B 79 14.17 -4.37 -8.91
C ILE B 79 14.74 -5.39 -9.89
N THR B 80 16.00 -5.75 -9.71
CA THR B 80 16.66 -6.65 -10.66
C THR B 80 17.04 -8.00 -10.05
N VAL B 81 16.93 -8.13 -8.74
CA VAL B 81 17.32 -9.38 -8.07
C VAL B 81 16.17 -10.39 -8.00
N PRO B 82 16.50 -11.67 -7.79
CA PRO B 82 15.42 -12.66 -7.70
C PRO B 82 14.41 -12.37 -6.56
N VAL B 83 13.13 -12.39 -6.89
CA VAL B 83 12.07 -12.21 -5.91
C VAL B 83 11.03 -13.32 -6.04
N ALA B 84 10.72 -13.99 -4.93
CA ALA B 84 9.60 -14.94 -4.86
C ALA B 84 8.51 -14.39 -3.97
N ILE B 85 7.26 -14.79 -4.22
CA ILE B 85 6.15 -14.50 -3.31
C ILE B 85 5.63 -15.83 -2.80
N HIS B 86 5.59 -15.99 -1.49
CA HIS B 86 5.44 -17.29 -0.88
C HIS B 86 4.29 -17.23 0.09
N LEU B 87 3.26 -18.03 -0.17
CA LEU B 87 2.17 -18.17 0.79
C LEU B 87 2.74 -18.85 2.03
N ASP B 88 2.74 -18.12 3.14
CA ASP B 88 3.31 -18.63 4.37
C ASP B 88 2.22 -19.33 5.16
N HIS B 89 2.54 -20.50 5.70
CA HIS B 89 1.57 -21.35 6.41
C HIS B 89 0.22 -21.58 5.74
N GLY B 90 0.24 -21.88 4.44
CA GLY B 90 -0.97 -22.21 3.73
C GLY B 90 -1.70 -23.26 4.53
N SER B 91 -3.00 -23.04 4.74
CA SER B 91 -3.74 -23.86 5.68
C SER B 91 -4.44 -25.04 5.00
N SER B 92 -4.54 -25.00 3.68
CA SER B 92 -5.29 -26.01 2.93
C SER B 92 -4.87 -26.03 1.47
N PHE B 93 -5.16 -27.13 0.79
CA PHE B 93 -4.90 -27.20 -0.64
C PHE B 93 -5.55 -26.02 -1.34
N GLU B 94 -6.78 -25.72 -0.94
CA GLU B 94 -7.56 -24.70 -1.62
C GLU B 94 -6.95 -23.31 -1.47
N LYS B 95 -6.45 -22.97 -0.29
CA LYS B 95 -5.73 -21.71 -0.10
C LYS B 95 -4.48 -21.63 -0.99
N CYS B 96 -3.73 -22.73 -1.10
CA CYS B 96 -2.53 -22.72 -1.94
C CYS B 96 -2.90 -22.54 -3.40
N LYS B 97 -4.00 -23.15 -3.80
CA LYS B 97 -4.52 -23.01 -5.15
C LYS B 97 -4.90 -21.56 -5.44
N GLU B 98 -5.61 -20.93 -4.50
CA GLU B 98 -5.99 -19.53 -4.69
C GLU B 98 -4.77 -18.62 -4.83
N ALA B 99 -3.76 -18.83 -4.01
CA ALA B 99 -2.55 -17.99 -4.07
C ALA B 99 -1.87 -18.20 -5.41
N ILE B 100 -1.72 -19.46 -5.77
CA ILE B 100 -1.10 -19.81 -7.04
C ILE B 100 -1.87 -19.19 -8.20
N ASP B 101 -3.20 -19.36 -8.21
CA ASP B 101 -4.00 -18.80 -9.29
C ASP B 101 -3.87 -17.26 -9.37
N ALA B 102 -3.64 -16.61 -8.23
CA ALA B 102 -3.48 -15.17 -8.21
C ALA B 102 -2.10 -14.74 -8.70
N GLY B 103 -1.20 -15.71 -8.86
CA GLY B 103 0.14 -15.41 -9.35
C GLY B 103 1.27 -15.53 -8.32
N PHE B 104 1.05 -16.24 -7.21
CA PHE B 104 2.15 -16.55 -6.28
C PHE B 104 3.10 -17.50 -6.99
N THR B 105 4.39 -17.38 -6.68
CA THR B 105 5.40 -18.21 -7.33
C THR B 105 5.85 -19.32 -6.40
N SER B 106 5.29 -19.35 -5.20
CA SER B 106 5.73 -20.30 -4.19
C SER B 106 4.67 -20.40 -3.11
N VAL B 107 4.48 -21.60 -2.57
CA VAL B 107 3.53 -21.80 -1.48
C VAL B 107 4.06 -22.72 -0.41
N MSE B 108 3.57 -22.53 0.81
CA MSE B 108 3.82 -23.48 1.87
C MSE B 108 2.50 -24.10 2.25
O MSE B 108 1.57 -23.42 2.69
CB MSE B 108 4.41 -22.80 3.09
CG MSE B 108 4.55 -23.77 4.25
SE MSE B 108 5.10 -22.92 5.90
CE MSE B 108 5.40 -24.54 6.94
N ILE B 109 2.39 -25.42 2.06
CA ILE B 109 1.24 -26.13 2.59
C ILE B 109 1.66 -26.61 3.96
N ASP B 110 1.13 -25.98 5.01
CA ASP B 110 1.46 -26.40 6.36
C ASP B 110 0.36 -27.29 6.96
N ALA B 111 0.54 -28.60 6.85
CA ALA B 111 -0.39 -29.56 7.45
C ALA B 111 0.28 -30.34 8.60
N SER B 112 1.22 -29.68 9.26
CA SER B 112 2.03 -30.33 10.28
C SER B 112 1.23 -30.65 11.54
N HIS B 113 0.04 -30.06 11.66
CA HIS B 113 -0.79 -30.25 12.84
C HIS B 113 -1.89 -31.26 12.57
N HIS B 114 -1.62 -32.15 11.61
CA HIS B 114 -2.53 -33.23 11.25
C HIS B 114 -1.70 -34.51 11.30
N PRO B 115 -2.37 -35.67 11.30
CA PRO B 115 -1.61 -36.92 11.28
C PRO B 115 -0.70 -36.97 10.06
N PHE B 116 0.36 -37.74 10.19
CA PHE B 116 1.40 -37.78 9.18
C PHE B 116 0.85 -38.09 7.80
N GLU B 117 0.03 -39.14 7.69
CA GLU B 117 -0.46 -39.61 6.40
C GLU B 117 -1.38 -38.59 5.75
N GLU B 118 -2.06 -37.80 6.58
CA GLU B 118 -2.86 -36.73 6.05
C GLU B 118 -1.97 -35.59 5.53
N ASN B 119 -0.96 -35.22 6.31
CA ASN B 119 0.04 -34.26 5.87
C ASN B 119 0.61 -34.65 4.51
N VAL B 120 1.08 -35.90 4.41
CA VAL B 120 1.64 -36.41 3.18
C VAL B 120 0.67 -36.25 2.02
N GLU B 121 -0.56 -36.69 2.23
CA GLU B 121 -1.58 -36.70 1.17
C GLU B 121 -1.93 -35.31 0.71
N THR B 122 -2.17 -34.41 1.66
CA THR B 122 -2.45 -33.01 1.33
C THR B 122 -1.26 -32.35 0.61
N THR B 123 -0.06 -32.58 1.13
CA THR B 123 1.13 -31.95 0.59
C THR B 123 1.34 -32.43 -0.84
N LYS B 124 1.18 -33.73 -1.05
CA LYS B 124 1.31 -34.29 -2.38
C LYS B 124 0.34 -33.58 -3.34
N LYS B 125 -0.91 -33.45 -2.93
CA LYS B 125 -1.89 -32.75 -3.76
C LYS B 125 -1.45 -31.33 -4.16
N VAL B 126 -0.89 -30.58 -3.21
CA VAL B 126 -0.41 -29.23 -3.50
C VAL B 126 0.77 -29.26 -4.46
N VAL B 127 1.73 -30.15 -4.20
CA VAL B 127 2.92 -30.25 -5.04
C VAL B 127 2.54 -30.53 -6.50
N GLU B 128 1.55 -31.39 -6.72
CA GLU B 128 1.18 -31.73 -8.09
C GLU B 128 0.59 -30.53 -8.82
N TYR B 129 -0.26 -29.78 -8.12
CA TYR B 129 -0.84 -28.58 -8.69
C TYR B 129 0.23 -27.51 -8.93
N ALA B 130 1.10 -27.34 -7.94
CA ALA B 130 2.09 -26.26 -7.98
C ALA B 130 3.16 -26.53 -9.03
N HIS B 131 3.72 -27.73 -9.01
CA HIS B 131 4.80 -28.07 -9.93
C HIS B 131 4.35 -28.05 -11.39
N ALA B 132 3.07 -28.30 -11.64
CA ALA B 132 2.56 -28.21 -13.00
C ALA B 132 2.59 -26.76 -13.49
N ARG B 133 2.80 -25.83 -12.55
CA ARG B 133 2.79 -24.41 -12.84
C ARG B 133 4.09 -23.72 -12.44
N ASN B 134 5.13 -24.51 -12.21
CA ASN B 134 6.44 -24.00 -11.84
C ASN B 134 6.41 -23.20 -10.53
N VAL B 135 5.59 -23.67 -9.61
CA VAL B 135 5.50 -23.05 -8.31
C VAL B 135 6.25 -23.93 -7.30
N SER B 136 7.14 -23.33 -6.52
CA SER B 136 7.86 -24.09 -5.49
C SER B 136 7.00 -24.33 -4.26
N VAL B 137 7.26 -25.42 -3.57
CA VAL B 137 6.44 -25.83 -2.44
C VAL B 137 7.26 -26.11 -1.19
N GLU B 138 6.81 -25.57 -0.05
CA GLU B 138 7.41 -25.87 1.24
C GLU B 138 6.38 -26.65 2.05
N ALA B 139 6.85 -27.58 2.87
CA ALA B 139 5.93 -28.24 3.79
C ALA B 139 6.57 -28.31 5.17
N GLU B 140 5.83 -28.82 6.17
CA GLU B 140 6.36 -28.83 7.53
C GLU B 140 6.06 -30.12 8.27
N LEU B 141 6.99 -30.49 9.15
CA LEU B 141 6.74 -31.50 10.17
C LEU B 141 7.14 -30.92 11.52
N GLY B 142 6.45 -31.33 12.57
CA GLY B 142 6.70 -30.77 13.88
C GLY B 142 5.95 -29.46 14.03
N THR B 143 6.07 -28.83 15.19
CA THR B 143 5.32 -27.61 15.48
C THR B 143 6.22 -26.47 15.95
N VAL B 144 6.12 -25.34 15.26
CA VAL B 144 6.77 -24.09 15.67
C VAL B 144 6.04 -23.47 16.86
N GLY B 145 6.80 -23.04 17.88
CA GLY B 145 6.21 -22.38 19.03
C GLY B 145 5.54 -21.05 18.71
N GLY B 146 4.56 -20.66 19.52
CA GLY B 146 3.85 -19.41 19.31
C GLY B 146 3.51 -18.71 20.60
N GLY B 155 3.14 -24.29 21.44
CA GLY B 155 4.18 -25.09 22.06
C GLY B 155 5.00 -25.86 21.04
N VAL B 156 6.32 -25.78 21.18
CA VAL B 156 7.24 -26.47 20.27
C VAL B 156 7.11 -27.99 20.28
N ILE B 157 7.04 -28.59 19.10
CA ILE B 157 7.21 -30.03 18.98
C ILE B 157 8.22 -30.40 17.88
N TYR B 158 9.26 -31.11 18.26
CA TYR B 158 10.32 -31.50 17.33
C TYR B 158 9.79 -32.40 16.21
N ALA B 159 10.13 -32.05 14.96
CA ALA B 159 9.92 -32.94 13.84
C ALA B 159 10.74 -34.22 14.01
N ASP B 160 10.18 -35.33 13.53
CA ASP B 160 10.88 -36.62 13.53
C ASP B 160 11.59 -36.86 12.19
N PRO B 161 12.93 -37.02 12.22
CA PRO B 161 13.79 -37.14 11.03
C PRO B 161 13.37 -38.24 10.04
N ALA B 162 12.90 -39.37 10.54
CA ALA B 162 12.40 -40.43 9.66
C ALA B 162 11.12 -40.00 8.88
N GLU B 163 10.19 -39.34 9.57
CA GLU B 163 9.02 -38.79 8.89
C GLU B 163 9.43 -37.80 7.82
N CYS B 164 10.50 -37.05 8.09
CA CYS B 164 11.02 -36.08 7.15
C CYS B 164 11.46 -36.75 5.86
N LYS B 165 12.30 -37.77 6.02
CA LYS B 165 12.75 -38.55 4.88
C LYS B 165 11.56 -39.00 4.06
N HIS B 166 10.62 -39.68 4.71
CA HIS B 166 9.45 -40.27 4.03
C HIS B 166 8.55 -39.23 3.37
N LEU B 167 8.31 -38.10 4.05
CA LEU B 167 7.43 -37.07 3.50
C LEU B 167 8.05 -36.42 2.28
N VAL B 168 9.35 -36.13 2.33
CA VAL B 168 10.04 -35.55 1.18
C VAL B 168 10.01 -36.53 -0.01
N GLU B 169 10.23 -37.80 0.28
CA GLU B 169 10.23 -38.84 -0.73
C GLU B 169 8.86 -39.05 -1.34
N ALA B 170 7.82 -39.00 -0.52
CA ALA B 170 6.46 -39.21 -1.04
C ALA B 170 5.87 -38.02 -1.80
N THR B 171 6.33 -36.80 -1.50
CA THR B 171 5.70 -35.60 -2.04
C THR B 171 6.50 -34.89 -3.14
N GLY B 172 7.83 -34.89 -3.01
CA GLY B 172 8.66 -34.15 -3.93
C GLY B 172 8.68 -32.65 -3.66
N ILE B 173 8.37 -32.24 -2.42
CA ILE B 173 8.48 -30.82 -2.03
C ILE B 173 9.86 -30.27 -2.30
N ASP B 174 9.93 -28.98 -2.58
CA ASP B 174 11.22 -28.33 -2.88
C ASP B 174 12.02 -28.01 -1.62
N CYS B 175 11.33 -27.75 -0.52
CA CYS B 175 12.02 -27.49 0.74
C CYS B 175 11.16 -27.89 1.93
N LEU B 176 11.80 -27.97 3.08
CA LEU B 176 11.18 -28.61 4.21
C LEU B 176 11.48 -27.83 5.48
N ALA B 177 10.41 -27.48 6.21
CA ALA B 177 10.55 -26.89 7.53
C ALA B 177 10.50 -27.97 8.62
N PRO B 178 11.66 -28.41 9.11
CA PRO B 178 11.59 -29.31 10.27
C PRO B 178 11.57 -28.47 11.53
N ALA B 179 10.41 -28.34 12.18
CA ALA B 179 10.32 -27.54 13.41
C ALA B 179 11.15 -28.21 14.51
N LEU B 180 12.17 -27.51 14.99
CA LEU B 180 13.14 -28.10 15.90
C LEU B 180 13.53 -27.12 16.99
N GLY B 181 12.57 -26.32 17.44
CA GLY B 181 12.87 -25.31 18.43
C GLY B 181 12.50 -23.89 18.03
N SER B 182 12.18 -23.69 16.75
CA SER B 182 11.70 -22.39 16.27
C SER B 182 10.47 -21.95 17.04
N VAL B 183 10.38 -20.65 17.32
CA VAL B 183 9.20 -20.08 17.97
C VAL B 183 8.85 -18.81 17.23
N HIS B 184 7.61 -18.69 16.76
CA HIS B 184 7.16 -17.42 16.16
C HIS B 184 7.09 -16.35 17.24
N GLY B 185 7.73 -15.20 17.01
CA GLY B 185 7.79 -14.12 17.99
C GLY B 185 8.99 -14.24 18.93
N PRO B 186 9.00 -13.50 20.03
CA PRO B 186 10.13 -13.63 20.96
C PRO B 186 10.23 -15.01 21.64
N TYR B 187 11.45 -15.48 21.83
CA TYR B 187 11.71 -16.70 22.60
C TYR B 187 11.67 -16.41 24.09
N LYS B 188 11.10 -17.31 24.88
CA LYS B 188 11.05 -17.09 26.33
C LYS B 188 12.46 -16.91 26.88
N GLY B 189 13.32 -17.91 26.69
CA GLY B 189 14.73 -17.77 27.04
C GLY B 189 15.60 -17.51 25.82
N GLU B 190 16.57 -18.38 25.61
CA GLU B 190 17.30 -18.41 24.35
C GLU B 190 16.86 -19.68 23.64
N PRO B 191 16.79 -19.64 22.31
CA PRO B 191 16.30 -20.80 21.58
C PRO B 191 17.07 -22.06 21.97
N ASN B 192 16.39 -23.19 21.93
CA ASN B 192 17.05 -24.47 22.07
C ASN B 192 16.71 -25.23 20.81
N LEU B 193 17.55 -25.04 19.78
CA LEU B 193 17.35 -25.70 18.49
C LEU B 193 17.92 -27.12 18.48
N GLY B 194 17.23 -28.00 17.77
CA GLY B 194 17.60 -29.40 17.70
C GLY B 194 18.64 -29.68 16.64
N PHE B 195 19.83 -29.16 16.84
CA PHE B 195 20.89 -29.28 15.84
C PHE B 195 21.21 -30.72 15.38
N ALA B 196 21.23 -31.67 16.31
CA ALA B 196 21.50 -33.06 15.94
C ALA B 196 20.35 -33.61 15.08
N GLU B 197 19.12 -33.26 15.44
CA GLU B 197 17.96 -33.61 14.63
C GLU B 197 18.09 -32.99 13.24
N MSE B 198 18.49 -31.73 13.19
CA MSE B 198 18.62 -31.02 11.93
C MSE B 198 19.63 -31.70 11.00
O MSE B 198 19.39 -31.88 9.81
CB MSE B 198 18.98 -29.56 12.16
CG MSE B 198 18.72 -28.66 10.97
SE MSE B 198 19.39 -26.86 11.32
CE MSE B 198 18.42 -26.49 12.98
N GLU B 199 20.77 -32.09 11.56
CA GLU B 199 21.76 -32.78 10.76
C GLU B 199 21.15 -34.05 10.15
N GLN B 200 20.43 -34.83 10.95
CA GLN B 200 19.81 -36.04 10.41
C GLN B 200 18.85 -35.70 9.25
N VAL B 201 18.00 -34.70 9.46
CA VAL B 201 17.06 -34.31 8.42
C VAL B 201 17.80 -33.89 7.16
N ARG B 202 18.88 -33.10 7.34
CA ARG B 202 19.70 -32.69 6.21
C ARG B 202 20.11 -33.91 5.41
N ASP B 203 20.73 -34.86 6.11
CA ASP B 203 21.29 -36.05 5.48
C ASP B 203 20.19 -36.95 4.89
N PHE B 204 19.06 -37.07 5.59
CA PHE B 204 18.01 -37.97 5.14
C PHE B 204 17.27 -37.44 3.92
N THR B 205 17.20 -36.12 3.78
CA THR B 205 16.35 -35.51 2.76
C THR B 205 17.12 -35.00 1.54
N GLY B 206 18.21 -34.27 1.77
CA GLY B 206 18.97 -33.65 0.70
C GLY B 206 18.32 -32.42 0.07
N VAL B 207 17.23 -31.92 0.66
CA VAL B 207 16.59 -30.68 0.21
C VAL B 207 16.92 -29.51 1.14
N PRO B 208 16.82 -28.27 0.63
CA PRO B 208 17.06 -27.12 1.51
C PRO B 208 16.06 -27.12 2.67
N LEU B 209 16.51 -26.78 3.87
CA LEU B 209 15.64 -26.74 5.03
C LEU B 209 15.28 -25.31 5.39
N VAL B 210 14.10 -25.14 5.99
CA VAL B 210 13.58 -23.83 6.33
C VAL B 210 13.58 -23.67 7.84
N LEU B 211 14.14 -22.54 8.30
CA LEU B 211 14.12 -22.19 9.72
C LEU B 211 13.07 -21.11 9.97
N HIS B 212 12.03 -21.46 10.71
CA HIS B 212 10.98 -20.53 11.10
C HIS B 212 11.34 -19.74 12.36
N GLY B 213 10.61 -18.67 12.61
CA GLY B 213 10.82 -17.84 13.77
C GLY B 213 12.25 -17.34 13.91
N GLY B 214 12.76 -16.70 12.86
CA GLY B 214 14.10 -16.14 12.92
C GLY B 214 14.32 -15.04 13.94
N THR B 215 13.29 -14.26 14.25
CA THR B 215 13.43 -13.16 15.21
C THR B 215 13.84 -13.65 16.59
N GLY B 216 15.03 -13.29 17.05
CA GLY B 216 15.45 -13.71 18.38
C GLY B 216 16.37 -14.91 18.38
N ILE B 217 16.65 -15.45 17.20
CA ILE B 217 17.66 -16.50 17.05
C ILE B 217 19.04 -15.84 16.92
N PRO B 218 19.92 -16.06 17.92
CA PRO B 218 21.23 -15.38 17.92
C PRO B 218 22.10 -15.77 16.74
N THR B 219 23.04 -14.88 16.40
CA THR B 219 23.93 -15.10 15.27
C THR B 219 24.53 -16.50 15.18
N ALA B 220 25.02 -17.01 16.31
CA ALA B 220 25.71 -18.28 16.29
C ALA B 220 24.76 -19.43 15.92
N ASP B 221 23.53 -19.39 16.44
CA ASP B 221 22.55 -20.41 16.09
C ASP B 221 22.24 -20.37 14.59
N ILE B 222 22.14 -19.14 14.04
CA ILE B 222 21.87 -18.94 12.62
C ILE B 222 22.99 -19.56 11.77
N GLU B 223 24.22 -19.20 12.08
CA GLU B 223 25.36 -19.71 11.33
C GLU B 223 25.40 -21.24 11.42
N LYS B 224 25.06 -21.77 12.59
CA LYS B 224 25.09 -23.20 12.78
C LYS B 224 23.95 -23.93 12.05
N ALA B 225 22.77 -23.32 12.02
CA ALA B 225 21.67 -23.89 11.24
C ALA B 225 21.98 -23.92 9.74
N ILE B 226 22.61 -22.86 9.23
CA ILE B 226 22.99 -22.81 7.81
C ILE B 226 24.00 -23.91 7.46
N SER B 227 24.95 -24.13 8.36
CA SER B 227 25.94 -25.18 8.12
C SER B 227 25.29 -26.56 8.19
N LEU B 228 24.10 -26.63 8.79
CA LEU B 228 23.37 -27.88 8.86
C LEU B 228 22.24 -27.99 7.84
N GLY B 229 22.33 -27.19 6.78
CA GLY B 229 21.45 -27.39 5.64
C GLY B 229 20.25 -26.47 5.57
N THR B 230 20.19 -25.49 6.47
CA THR B 230 19.14 -24.46 6.43
C THR B 230 19.48 -23.47 5.32
N SER B 231 18.55 -23.26 4.40
CA SER B 231 18.78 -22.39 3.25
C SER B 231 17.76 -21.24 3.18
N LYS B 232 16.74 -21.30 4.02
CA LYS B 232 15.69 -20.28 4.06
C LYS B 232 15.40 -19.94 5.52
N ILE B 233 15.44 -18.66 5.85
CA ILE B 233 15.19 -18.24 7.22
C ILE B 233 14.12 -17.16 7.24
N ASN B 234 13.03 -17.44 7.95
CA ASN B 234 11.86 -16.54 8.04
C ASN B 234 12.03 -15.50 9.13
N VAL B 235 11.79 -14.24 8.79
CA VAL B 235 11.83 -13.15 9.76
C VAL B 235 10.60 -12.27 9.62
N ASN B 236 9.90 -12.02 10.72
CA ASN B 236 8.72 -11.17 10.67
C ASN B 236 8.66 -10.20 11.84
N THR B 237 8.56 -10.77 13.03
CA THR B 237 8.45 -10.02 14.27
C THR B 237 9.48 -8.87 14.40
N GLU B 238 10.75 -9.14 14.12
CA GLU B 238 11.73 -8.08 14.29
C GLU B 238 11.45 -6.85 13.42
N ASN B 239 10.89 -7.07 12.23
CA ASN B 239 10.48 -5.94 11.39
C ASN B 239 9.33 -5.15 12.02
N GLN B 240 8.43 -5.85 12.70
CA GLN B 240 7.29 -5.21 13.34
C GLN B 240 7.77 -4.40 14.55
N ILE B 241 8.73 -4.97 15.27
CA ILE B 241 9.28 -4.31 16.44
C ILE B 241 10.00 -3.02 16.05
N GLU B 242 10.83 -3.08 15.02
CA GLU B 242 11.61 -1.92 14.59
C GLU B 242 10.73 -0.86 13.94
N PHE B 243 9.78 -1.30 13.12
CA PHE B 243 8.82 -0.39 12.54
C PHE B 243 8.11 0.42 13.63
N THR B 244 7.48 -0.30 14.56
CA THR B 244 6.71 0.33 15.63
C THR B 244 7.59 1.16 16.57
N LYS B 245 8.77 0.67 16.87
CA LYS B 245 9.71 1.44 17.69
C LYS B 245 9.94 2.81 17.06
N ALA B 246 10.14 2.83 15.74
CA ALA B 246 10.42 4.08 15.03
C ALA B 246 9.19 5.01 15.01
N VAL B 247 8.01 4.42 14.89
CA VAL B 247 6.76 5.17 14.96
C VAL B 247 6.57 5.81 16.34
N ARG B 248 6.71 4.99 17.37
CA ARG B 248 6.66 5.47 18.75
C ARG B 248 7.58 6.67 19.02
N GLU B 249 8.84 6.59 18.57
CA GLU B 249 9.79 7.68 18.82
C GLU B 249 9.28 9.01 18.26
N VAL B 250 8.74 8.97 17.05
CA VAL B 250 8.26 10.18 16.39
C VAL B 250 7.01 10.73 17.07
N LEU B 251 6.04 9.86 17.35
CA LEU B 251 4.81 10.29 17.97
C LEU B 251 5.03 10.81 19.40
N ASN B 252 5.94 10.17 20.13
CA ASN B 252 6.20 10.59 21.50
C ASN B 252 6.91 11.94 21.60
N LYS B 253 7.92 12.15 20.75
CA LYS B 253 8.68 13.39 20.77
C LYS B 253 7.91 14.59 20.25
N ASP B 254 6.94 14.34 19.36
CA ASP B 254 6.15 15.40 18.73
C ASP B 254 4.68 15.11 18.91
N GLN B 255 4.05 15.77 19.88
CA GLN B 255 2.65 15.49 20.23
C GLN B 255 1.69 16.09 19.21
N GLU B 256 2.22 16.91 18.30
CA GLU B 256 1.36 17.66 17.39
C GLU B 256 1.25 17.05 15.99
N VAL B 257 2.30 16.36 15.55
CA VAL B 257 2.32 15.89 14.17
C VAL B 257 1.16 14.93 13.87
N TYR B 258 0.56 15.10 12.69
CA TYR B 258 -0.52 14.23 12.22
C TYR B 258 -0.25 13.65 10.82
N ASP B 259 0.67 14.25 10.07
CA ASP B 259 1.04 13.76 8.72
C ASP B 259 1.64 12.36 8.82
N PRO B 260 0.96 11.35 8.26
CA PRO B 260 1.40 9.97 8.46
C PRO B 260 2.82 9.68 7.93
N ARG B 261 3.21 10.30 6.83
CA ARG B 261 4.53 10.03 6.27
C ARG B 261 5.63 10.37 7.29
N LYS B 262 5.32 11.26 8.23
CA LYS B 262 6.27 11.71 9.23
C LYS B 262 6.65 10.59 10.19
N PHE B 263 5.74 9.65 10.43
CA PHE B 263 6.08 8.50 11.28
C PHE B 263 6.16 7.15 10.53
N ILE B 264 5.34 6.95 9.50
CA ILE B 264 5.43 5.76 8.65
C ILE B 264 6.77 5.71 7.92
N GLY B 265 7.19 6.86 7.41
CA GLY B 265 8.47 6.99 6.74
C GLY B 265 9.63 6.39 7.52
N PRO B 266 9.87 6.91 8.74
CA PRO B 266 10.92 6.35 9.59
C PRO B 266 10.65 4.88 9.99
N GLY B 267 9.39 4.47 10.00
CA GLY B 267 9.07 3.06 10.21
C GLY B 267 9.61 2.22 9.07
N ARG B 268 9.33 2.66 7.85
CA ARG B 268 9.81 2.00 6.63
C ARG B 268 11.35 1.93 6.59
N ASP B 269 12.02 3.02 6.96
CA ASP B 269 13.48 3.07 7.03
C ASP B 269 14.01 2.01 8.01
N ALA B 270 13.36 1.92 9.16
CA ALA B 270 13.77 0.98 10.20
C ALA B 270 13.67 -0.46 9.71
N ILE B 271 12.59 -0.76 8.99
CA ILE B 271 12.43 -2.09 8.43
C ILE B 271 13.53 -2.36 7.40
N LYS B 272 13.76 -1.38 6.54
CA LYS B 272 14.77 -1.54 5.51
C LYS B 272 16.11 -1.89 6.12
N ALA B 273 16.49 -1.14 7.15
CA ALA B 273 17.76 -1.36 7.84
C ALA B 273 17.79 -2.74 8.50
N THR B 274 16.67 -3.15 9.07
CA THR B 274 16.58 -4.45 9.72
C THR B 274 16.78 -5.60 8.71
N VAL B 275 16.13 -5.50 7.55
CA VAL B 275 16.26 -6.53 6.52
C VAL B 275 17.70 -6.58 6.00
N ILE B 276 18.29 -5.42 5.73
CA ILE B 276 19.69 -5.38 5.30
C ILE B 276 20.59 -6.15 6.26
N GLY B 277 20.52 -5.81 7.55
CA GLY B 277 21.27 -6.53 8.56
C GLY B 277 21.04 -8.05 8.52
N LYS B 278 19.78 -8.47 8.42
CA LYS B 278 19.45 -9.89 8.32
C LYS B 278 19.96 -10.55 7.03
N ILE B 279 19.87 -9.83 5.91
CA ILE B 279 20.42 -10.35 4.66
C ILE B 279 21.93 -10.59 4.79
N ARG B 280 22.65 -9.64 5.36
CA ARG B 280 24.09 -9.79 5.56
C ARG B 280 24.39 -10.96 6.49
N GLU B 281 23.64 -11.05 7.59
CA GLU B 281 23.81 -12.11 8.57
C GLU B 281 23.54 -13.47 7.93
N PHE B 282 22.59 -13.52 7.00
CA PHE B 282 22.25 -14.78 6.36
C PHE B 282 23.22 -15.15 5.25
N GLY B 283 23.93 -14.15 4.73
CA GLY B 283 25.00 -14.39 3.77
C GLY B 283 24.63 -14.30 2.30
N SER B 284 23.41 -13.85 1.99
CA SER B 284 22.97 -13.77 0.59
C SER B 284 23.26 -12.44 -0.10
N ASN B 285 23.97 -11.53 0.55
CA ASN B 285 24.34 -10.29 -0.14
C ASN B 285 25.30 -10.61 -1.26
N GLY B 286 25.07 -10.04 -2.44
CA GLY B 286 25.92 -10.28 -3.59
C GLY B 286 25.72 -11.64 -4.25
N LYS B 287 24.73 -12.41 -3.82
CA LYS B 287 24.46 -13.70 -4.44
C LYS B 287 23.45 -13.61 -5.58
N ALA B 288 22.85 -12.44 -5.75
CA ALA B 288 21.83 -12.24 -6.79
C ALA B 288 22.37 -12.52 -8.20
ZN ZN C . -5.49 21.50 -3.56
ZN ZN D . 4.29 25.34 -12.11
ZN ZN E . 6.82 9.39 1.95
ZN ZN F . -6.02 33.55 -24.44
NA NA G . -8.27 23.13 4.73
P 13P H . -7.15 19.72 2.96
O1P 13P H . -7.16 21.11 3.78
O2P 13P H . -8.54 18.95 3.39
O3P 13P H . -5.94 18.96 3.33
O1 13P H . -7.12 19.99 1.33
C1 13P H . -7.16 18.91 0.43
C2 13P H . -6.98 19.45 -1.00
O2 13P H . -7.33 20.56 -1.26
C3 13P H . -6.23 18.64 -2.08
O3 13P H . -5.94 19.46 -3.21
ZN ZN I . -11.67 15.53 13.16
C ACT J . -14.58 38.64 0.41
O ACT J . -14.73 37.79 1.34
OXT ACT J . -15.48 38.68 -0.47
CH3 ACT J . -13.40 39.55 0.36
C ACT K . -12.95 -11.39 -6.57
O ACT K . -13.61 -11.07 -7.59
OXT ACT K . -11.86 -11.98 -6.80
CH3 ACT K . -13.41 -11.09 -5.18
ZN ZN L . 28.64 -34.16 11.71
ZN ZN M . 6.40 -19.83 10.31
ZN ZN N . -6.60 -6.36 9.23
ZN ZN O . -6.45 -33.32 9.89
ZN ZN P . -1.12 -27.33 19.00
NA NA Q . 11.32 -16.10 16.72
P 13P R . 9.48 -14.48 13.53
O1P 13P R . 8.22 -13.45 13.75
O2P 13P R . 9.87 -15.13 14.95
O3P 13P R . 10.62 -13.72 13.04
O1 13P R . 9.06 -15.69 12.47
C1 13P R . 8.45 -15.36 11.24
C2 13P R . 8.18 -16.63 10.40
O2 13P R . 8.58 -17.69 10.77
C3 13P R . 7.08 -16.62 9.34
O3 13P R . 6.66 -17.97 9.11
C ACT S . 26.92 -5.95 -0.85
O ACT S . 27.65 -6.69 -0.13
OXT ACT S . 26.57 -6.44 -1.95
CH3 ACT S . 26.49 -4.58 -0.41
C ACT T . 9.46 2.51 -15.04
O ACT T . 8.21 2.62 -14.94
OXT ACT T . 9.88 1.95 -16.08
CH3 ACT T . 10.39 3.02 -13.98
#